data_5Z4O
#
_entry.id   5Z4O
#
_cell.length_a   61.882
_cell.length_b   67.750
_cell.length_c   102.960
_cell.angle_alpha   90.00
_cell.angle_beta   90.00
_cell.angle_gamma   90.00
#
_symmetry.space_group_name_H-M   'P 21 21 21'
#
loop_
_entity.id
_entity.type
_entity.pdbx_description
1 polymer 'DNA gyrase subunit B'
2 non-polymer 4-phenoxyphenol
3 non-polymer 'PHOSPHATE ION'
4 non-polymer 1H-benzimidazol-2-amine
5 water water
#
_entity_poly.entity_id   1
_entity_poly.type   'polypeptide(L)'
_entity_poly.pdbx_seq_one_letter_code
;GLDAVRKRPGMYIGDTDDGTGLHHMVFEVVDNAIDEALAGHCKEIIVTIHADNSVSVQDDGRGIPTGIHPEEGVSAAEVI
MTVLHAGGKFDDNSYKVSGGLHGVGVSVVNALSQKLELVIQREGKIHRQIYEHGVPQAPLAVTGETEKTGTMVRFWPSLE
TFTNVTEFEYEILAKRLRELSFLNSGVSIRLRDKRDGKEDHFHYEGG
;
_entity_poly.pdbx_strand_id   A,B
#
# COMPACT_ATOMS: atom_id res chain seq x y z
N LEU A 2 6.40 -5.75 -1.57
CA LEU A 2 5.29 -6.43 -0.91
C LEU A 2 3.99 -6.34 -1.71
N ASP A 3 4.07 -5.78 -2.93
CA ASP A 3 2.83 -5.59 -3.69
C ASP A 3 2.22 -6.93 -4.12
N ALA A 4 3.02 -7.99 -4.26
CA ALA A 4 2.42 -9.28 -4.59
C ALA A 4 1.53 -9.80 -3.46
N VAL A 5 1.91 -9.52 -2.21
CA VAL A 5 1.07 -9.90 -1.06
C VAL A 5 -0.19 -9.05 -1.00
N ARG A 6 -0.05 -7.74 -1.23
CA ARG A 6 -1.22 -6.87 -1.14
C ARG A 6 -2.23 -7.23 -2.22
N LYS A 7 -1.76 -7.69 -3.38
CA LYS A 7 -2.66 -8.01 -4.49
C LYS A 7 -3.57 -9.18 -4.16
N ARG A 8 -3.07 -10.16 -3.43
CA ARG A 8 -3.84 -11.37 -3.11
C ARG A 8 -3.49 -11.83 -1.71
N PRO A 9 -4.03 -11.14 -0.68
CA PRO A 9 -3.61 -11.45 0.70
C PRO A 9 -3.96 -12.88 1.12
N GLY A 10 -5.13 -13.37 0.71
CA GLY A 10 -5.55 -14.70 1.14
C GLY A 10 -4.64 -15.81 0.66
N MET A 11 -3.96 -15.62 -0.47
CA MET A 11 -3.02 -16.62 -0.94
C MET A 11 -1.80 -16.73 -0.04
N TYR A 12 -1.53 -15.73 0.79
CA TYR A 12 -0.37 -15.74 1.67
C TYR A 12 -0.72 -16.03 3.12
N ILE A 13 -1.77 -15.41 3.63
CA ILE A 13 -2.08 -15.46 5.06
C ILE A 13 -3.27 -16.37 5.37
N GLY A 14 -4.05 -16.76 4.38
CA GLY A 14 -5.26 -17.53 4.62
C GLY A 14 -6.50 -16.65 4.53
N ASP A 15 -7.66 -17.29 4.66
CA ASP A 15 -8.92 -16.62 4.37
C ASP A 15 -9.08 -15.35 5.20
N THR A 16 -9.33 -14.23 4.51
CA THR A 16 -9.42 -12.94 5.17
C THR A 16 -10.84 -12.57 5.58
N ASP A 17 -11.80 -13.51 5.48
CA ASP A 17 -13.16 -13.22 5.90
C ASP A 17 -13.67 -14.09 7.05
N ASP A 18 -13.12 -15.28 7.28
CA ASP A 18 -13.66 -16.16 8.32
C ASP A 18 -12.83 -16.18 9.60
N GLY A 19 -11.81 -15.34 9.71
CA GLY A 19 -10.96 -15.33 10.88
C GLY A 19 -9.69 -16.13 10.76
N THR A 20 -9.58 -16.97 9.74
CA THR A 20 -8.41 -17.83 9.56
C THR A 20 -7.15 -17.00 9.40
N GLY A 21 -7.11 -16.15 8.37
CA GLY A 21 -5.95 -15.31 8.13
C GLY A 21 -5.67 -14.37 9.29
N LEU A 22 -6.73 -13.81 9.89
CA LEU A 22 -6.56 -12.88 11.01
C LEU A 22 -5.72 -13.51 12.11
N HIS A 23 -6.05 -14.75 12.48
CA HIS A 23 -5.30 -15.39 13.56
C HIS A 23 -3.95 -15.90 13.08
N HIS A 24 -3.83 -16.27 11.80
CA HIS A 24 -2.53 -16.63 11.26
C HIS A 24 -1.55 -15.47 11.33
N MET A 25 -2.04 -14.23 11.27
CA MET A 25 -1.15 -13.09 11.47
C MET A 25 -0.36 -13.23 12.77
N VAL A 26 -1.06 -13.55 13.86
CA VAL A 26 -0.41 -13.75 15.15
C VAL A 26 0.58 -14.91 15.07
N PHE A 27 0.15 -16.03 14.49
CA PHE A 27 1.03 -17.20 14.49
C PHE A 27 2.35 -16.92 13.73
N GLU A 28 2.30 -16.16 12.64
CA GLU A 28 3.53 -15.86 11.91
C GLU A 28 4.49 -15.04 12.77
N VAL A 29 3.96 -14.09 13.54
CA VAL A 29 4.83 -13.32 14.42
C VAL A 29 5.39 -14.21 15.52
N VAL A 30 4.57 -15.08 16.07
CA VAL A 30 5.02 -15.95 17.12
C VAL A 30 6.16 -16.88 16.65
N ASP A 31 6.10 -17.28 15.41
CA ASP A 31 7.13 -18.15 14.86
C ASP A 31 8.48 -17.44 14.99
N ASN A 32 8.51 -16.18 14.66
CA ASN A 32 9.74 -15.42 14.70
C ASN A 32 10.17 -15.19 16.14
N ALA A 33 9.23 -14.93 17.03
CA ALA A 33 9.51 -14.77 18.45
C ALA A 33 10.08 -16.05 19.08
N ILE A 34 9.55 -17.22 18.70
CA ILE A 34 10.08 -18.46 19.25
C ILE A 34 11.52 -18.69 18.78
N ASP A 35 11.79 -18.45 17.49
N ASP A 35 11.78 -18.49 17.48
CA ASP A 35 13.16 -18.57 17.00
CA ASP A 35 13.14 -18.52 16.97
C ASP A 35 14.12 -17.66 17.79
C ASP A 35 14.08 -17.69 17.83
N GLU A 36 13.68 -16.44 18.11
CA GLU A 36 14.53 -15.53 18.87
C GLU A 36 14.69 -15.99 20.32
N ALA A 37 13.61 -16.45 20.94
CA ALA A 37 13.67 -16.87 22.32
C ALA A 37 14.60 -18.07 22.49
N LEU A 38 14.59 -18.98 21.51
CA LEU A 38 15.43 -20.18 21.61
C LEU A 38 16.91 -19.85 21.61
N ALA A 39 17.30 -18.71 21.04
CA ALA A 39 18.71 -18.34 20.95
C ALA A 39 19.20 -17.56 22.17
N GLY A 40 18.34 -17.30 23.17
CA GLY A 40 18.71 -16.58 24.36
C GLY A 40 18.67 -17.46 25.60
N HIS A 41 18.83 -16.81 26.75
CA HIS A 41 18.98 -17.53 28.02
C HIS A 41 17.65 -17.85 28.70
N CYS A 42 16.75 -16.86 28.84
CA CYS A 42 15.55 -17.08 29.64
C CYS A 42 14.43 -17.77 28.85
N LYS A 43 14.37 -17.55 27.53
CA LYS A 43 13.47 -18.27 26.64
C LYS A 43 12.00 -18.10 27.02
N GLU A 44 11.54 -16.85 27.11
CA GLU A 44 10.12 -16.58 27.32
C GLU A 44 9.59 -15.62 26.26
N ILE A 45 8.37 -15.89 25.78
CA ILE A 45 7.64 -14.98 24.90
C ILE A 45 6.32 -14.61 25.57
N ILE A 46 5.83 -13.40 25.28
CA ILE A 46 4.55 -12.94 25.82
C ILE A 46 3.69 -12.47 24.65
N VAL A 47 2.48 -13.02 24.54
CA VAL A 47 1.51 -12.63 23.50
C VAL A 47 0.38 -11.91 24.21
N THR A 48 0.11 -10.67 23.79
CA THR A 48 -0.86 -9.81 24.46
C THR A 48 -1.93 -9.38 23.48
N ILE A 49 -3.20 -9.60 23.82
CA ILE A 49 -4.30 -9.05 23.04
C ILE A 49 -4.70 -7.74 23.68
N HIS A 50 -4.53 -6.64 22.95
CA HIS A 50 -4.85 -5.33 23.49
C HIS A 50 -6.32 -4.99 23.26
N ALA A 51 -6.78 -3.98 24.01
CA ALA A 51 -8.18 -3.58 23.99
C ALA A 51 -8.62 -3.01 22.65
N ASP A 52 -7.70 -2.47 21.85
CA ASP A 52 -8.05 -1.98 20.52
C ASP A 52 -7.90 -3.06 19.45
N ASN A 53 -7.86 -4.33 19.89
CA ASN A 53 -7.66 -5.49 19.02
CA ASN A 53 -7.62 -5.52 19.07
C ASN A 53 -6.42 -5.34 18.13
N SER A 54 -5.35 -4.86 18.71
CA SER A 54 -4.02 -5.10 18.18
C SER A 54 -3.44 -6.26 18.99
N VAL A 55 -2.38 -6.89 18.48
CA VAL A 55 -1.68 -7.93 19.22
C VAL A 55 -0.20 -7.55 19.31
N SER A 56 0.40 -7.75 20.48
CA SER A 56 1.85 -7.66 20.59
C SER A 56 2.45 -9.01 20.97
N VAL A 57 3.66 -9.22 20.48
CA VAL A 57 4.45 -10.43 20.72
C VAL A 57 5.85 -9.96 21.07
N GLN A 58 6.38 -10.43 22.20
CA GLN A 58 7.71 -10.02 22.63
C GLN A 58 8.51 -11.23 23.07
N ASP A 59 9.83 -11.12 22.93
CA ASP A 59 10.72 -12.17 23.41
C ASP A 59 11.88 -11.54 24.16
N ASP A 60 12.51 -12.34 25.01
CA ASP A 60 13.67 -11.90 25.78
C ASP A 60 14.98 -12.41 25.21
N GLY A 61 15.05 -12.62 23.89
CA GLY A 61 16.24 -13.11 23.23
C GLY A 61 17.28 -12.03 23.02
N ARG A 62 18.09 -12.22 21.97
CA ARG A 62 19.27 -11.38 21.72
C ARG A 62 18.95 -10.08 20.99
N GLY A 63 17.73 -9.92 20.47
CA GLY A 63 17.42 -8.82 19.57
C GLY A 63 17.67 -9.12 18.10
N ILE A 64 16.70 -8.78 17.25
CA ILE A 64 16.88 -8.88 15.79
C ILE A 64 18.04 -7.98 15.35
N PRO A 65 18.88 -8.40 14.42
CA PRO A 65 20.03 -7.57 14.03
C PRO A 65 19.58 -6.24 13.43
N THR A 66 20.39 -5.22 13.66
CA THR A 66 20.01 -3.87 13.32
C THR A 66 20.92 -3.22 12.28
N GLY A 67 22.10 -3.78 12.02
CA GLY A 67 23.05 -3.14 11.11
C GLY A 67 22.55 -3.06 9.68
N ILE A 68 23.16 -2.14 8.92
CA ILE A 68 22.76 -1.93 7.53
C ILE A 68 23.10 -3.18 6.72
N HIS A 69 22.11 -3.64 5.96
CA HIS A 69 22.33 -4.79 5.08
C HIS A 69 23.17 -4.35 3.89
N PRO A 70 24.29 -5.02 3.62
CA PRO A 70 25.23 -4.49 2.61
C PRO A 70 24.64 -4.33 1.22
N GLU A 71 23.76 -5.22 0.79
CA GLU A 71 23.21 -5.16 -0.55
C GLU A 71 21.92 -4.35 -0.61
N GLU A 72 21.07 -4.47 0.41
CA GLU A 72 19.80 -3.77 0.42
C GLU A 72 19.93 -2.32 0.83
N GLY A 73 20.97 -1.96 1.57
CA GLY A 73 21.17 -0.58 1.93
C GLY A 73 20.22 -0.05 2.98
N VAL A 74 19.55 -0.94 3.74
CA VAL A 74 18.73 -0.56 4.90
C VAL A 74 19.02 -1.53 6.04
N SER A 75 18.48 -1.22 7.22
CA SER A 75 18.71 -2.07 8.39
C SER A 75 18.24 -3.48 8.09
N ALA A 76 18.95 -4.47 8.66
CA ALA A 76 18.57 -5.86 8.52
C ALA A 76 17.13 -6.10 8.96
N ALA A 77 16.72 -5.42 10.03
CA ALA A 77 15.34 -5.53 10.51
C ALA A 77 14.36 -5.10 9.42
N GLU A 78 14.65 -3.98 8.74
CA GLU A 78 13.74 -3.53 7.69
C GLU A 78 13.74 -4.47 6.50
N VAL A 79 14.88 -5.09 6.18
CA VAL A 79 14.91 -6.09 5.11
C VAL A 79 13.94 -7.22 5.43
N ILE A 80 13.99 -7.74 6.65
CA ILE A 80 13.10 -8.84 7.06
C ILE A 80 11.63 -8.39 6.98
N MET A 81 11.37 -7.13 7.31
CA MET A 81 10.00 -6.64 7.34
C MET A 81 9.46 -6.25 5.98
N THR A 82 10.31 -6.07 4.96
CA THR A 82 9.86 -5.51 3.68
C THR A 82 10.21 -6.34 2.45
N VAL A 83 10.86 -7.49 2.61
CA VAL A 83 11.27 -8.34 1.49
C VAL A 83 10.64 -9.71 1.68
N LEU A 84 9.95 -10.19 0.66
CA LEU A 84 9.18 -11.43 0.79
C LEU A 84 10.11 -12.64 0.70
N VAL A 104 5.40 -17.96 6.04
CA VAL A 104 5.46 -16.90 5.02
C VAL A 104 6.24 -15.70 5.55
N GLY A 105 6.29 -15.57 6.87
CA GLY A 105 7.18 -14.62 7.52
C GLY A 105 6.50 -13.30 7.85
N VAL A 106 7.20 -12.52 8.67
CA VAL A 106 6.60 -11.29 9.20
C VAL A 106 6.43 -10.21 8.16
N SER A 107 7.10 -10.31 6.99
CA SER A 107 6.86 -9.29 5.96
C SER A 107 5.41 -9.34 5.48
N VAL A 108 4.82 -10.53 5.43
CA VAL A 108 3.40 -10.61 5.07
C VAL A 108 2.53 -9.94 6.10
N VAL A 109 2.80 -10.19 7.39
CA VAL A 109 2.02 -9.54 8.44
C VAL A 109 2.12 -8.04 8.31
N ASN A 110 3.36 -7.55 8.11
CA ASN A 110 3.58 -6.11 7.96
C ASN A 110 2.75 -5.54 6.82
N ALA A 111 2.81 -6.19 5.65
CA ALA A 111 2.07 -5.71 4.48
C ALA A 111 0.58 -5.59 4.76
N LEU A 112 0.04 -6.47 5.59
CA LEU A 112 -1.39 -6.55 5.84
C LEU A 112 -1.80 -5.91 7.17
N SER A 113 -0.91 -5.12 7.77
CA SER A 113 -1.21 -4.39 9.00
C SER A 113 -1.35 -2.92 8.67
N GLN A 114 -2.43 -2.29 9.10
CA GLN A 114 -2.53 -0.85 8.88
C GLN A 114 -1.48 -0.10 9.70
N LYS A 115 -1.01 -0.69 10.80
CA LYS A 115 0.13 -0.16 11.56
C LYS A 115 0.90 -1.32 12.16
N LEU A 116 2.23 -1.21 12.17
CA LEU A 116 3.05 -2.19 12.86
C LEU A 116 4.19 -1.42 13.51
N GLU A 117 4.40 -1.65 14.80
CA GLU A 117 5.44 -0.98 15.56
C GLU A 117 6.41 -1.99 16.12
N LEU A 118 7.71 -1.73 16.03
CA LEU A 118 8.67 -2.69 16.54
C LEU A 118 9.69 -1.99 17.42
N VAL A 119 10.21 -2.76 18.38
CA VAL A 119 11.27 -2.31 19.29
CA VAL A 119 11.29 -2.29 19.22
C VAL A 119 12.29 -3.43 19.41
N ILE A 120 13.57 -3.11 19.27
CA ILE A 120 14.66 -4.06 19.38
C ILE A 120 15.62 -3.53 20.41
N GLN A 121 15.93 -4.35 21.41
CA GLN A 121 16.92 -4.00 22.44
C GLN A 121 18.14 -4.89 22.23
N ARG A 122 19.29 -4.25 21.97
CA ARG A 122 20.44 -5.03 21.52
C ARG A 122 21.67 -4.17 21.58
N GLU A 123 22.79 -4.75 22.03
CA GLU A 123 24.08 -4.06 22.09
C GLU A 123 23.96 -2.72 22.82
N GLY A 124 23.17 -2.71 23.89
CA GLY A 124 23.05 -1.55 24.74
C GLY A 124 22.13 -0.44 24.26
N LYS A 125 21.42 -0.63 23.16
CA LYS A 125 20.61 0.43 22.58
C LYS A 125 19.17 -0.04 22.39
N ILE A 126 18.24 0.92 22.42
CA ILE A 126 16.84 0.69 22.04
C ILE A 126 16.68 1.21 20.62
N HIS A 127 16.10 0.38 19.75
CA HIS A 127 15.87 0.72 18.35
C HIS A 127 14.37 0.65 18.09
N ARG A 128 13.80 1.63 17.39
CA ARG A 128 12.36 1.63 17.15
C ARG A 128 12.05 1.98 15.70
N GLN A 129 10.93 1.42 15.21
CA GLN A 129 10.47 1.72 13.85
C GLN A 129 8.96 1.49 13.76
N ILE A 130 8.31 2.30 12.91
CA ILE A 130 6.87 2.27 12.66
CA ILE A 130 6.88 2.22 12.66
C ILE A 130 6.65 2.04 11.17
N TYR A 131 5.70 1.17 10.84
CA TYR A 131 5.25 0.92 9.48
C TYR A 131 3.75 1.17 9.39
N GLU A 132 3.28 1.57 8.21
CA GLU A 132 1.86 1.62 7.90
C GLU A 132 1.65 0.90 6.59
N HIS A 133 0.83 -0.15 6.59
CA HIS A 133 0.58 -0.97 5.41
C HIS A 133 1.90 -1.45 4.77
N GLY A 134 2.89 -1.76 5.62
CA GLY A 134 4.16 -2.26 5.14
C GLY A 134 5.15 -1.19 4.74
N VAL A 135 4.78 0.08 4.82
CA VAL A 135 5.63 1.19 4.37
C VAL A 135 6.35 1.76 5.59
N PRO A 136 7.69 1.78 5.61
CA PRO A 136 8.38 2.35 6.77
C PRO A 136 8.17 3.85 6.84
N GLN A 137 7.87 4.34 8.03
CA GLN A 137 7.62 5.77 8.20
C GLN A 137 8.90 6.55 8.43
N ALA A 138 9.96 5.87 8.86
CA ALA A 138 11.32 6.41 8.96
C ALA A 138 12.27 5.22 9.09
N PRO A 139 13.57 5.41 8.85
CA PRO A 139 14.52 4.31 9.10
C PRO A 139 14.55 3.89 10.57
N LEU A 140 14.89 2.62 10.80
CA LEU A 140 15.12 2.13 12.16
C LEU A 140 16.06 3.09 12.88
N ALA A 141 15.73 3.43 14.12
CA ALA A 141 16.37 4.55 14.80
C ALA A 141 16.66 4.21 16.26
N VAL A 142 17.84 4.60 16.72
CA VAL A 142 18.18 4.42 18.13
C VAL A 142 17.53 5.53 18.93
N THR A 143 16.79 5.15 19.98
CA THR A 143 16.02 6.09 20.79
C THR A 143 16.46 6.16 22.24
N GLY A 144 17.41 5.34 22.66
CA GLY A 144 17.82 5.33 24.05
C GLY A 144 18.75 4.17 24.33
N GLU A 145 19.16 4.08 25.59
CA GLU A 145 20.06 3.03 26.05
C GLU A 145 19.32 2.02 26.94
N THR A 146 19.84 0.80 26.95
CA THR A 146 19.22 -0.26 27.74
C THR A 146 20.27 -1.31 28.04
N GLU A 147 20.04 -2.04 29.13
CA GLU A 147 20.85 -3.20 29.47
C GLU A 147 20.12 -4.50 29.21
N LYS A 148 18.92 -4.45 28.65
CA LYS A 148 18.13 -5.62 28.29
C LYS A 148 18.33 -5.96 26.82
N THR A 149 17.92 -7.18 26.46
CA THR A 149 17.90 -7.58 25.06
C THR A 149 16.55 -8.19 24.75
N GLY A 150 16.17 -8.12 23.49
CA GLY A 150 14.96 -8.77 23.04
C GLY A 150 14.26 -7.98 21.96
N THR A 151 13.12 -8.47 21.50
CA THR A 151 12.39 -7.87 20.40
C THR A 151 10.90 -7.84 20.75
N MET A 152 10.19 -6.80 20.29
CA MET A 152 8.73 -6.75 20.42
CA MET A 152 8.74 -6.74 20.42
C MET A 152 8.12 -6.17 19.15
N VAL A 153 7.01 -6.77 18.72
CA VAL A 153 6.23 -6.29 17.59
C VAL A 153 4.79 -6.16 18.03
N ARG A 154 4.14 -5.02 17.73
CA ARG A 154 2.72 -4.82 17.96
C ARG A 154 2.10 -4.45 16.62
N PHE A 155 1.04 -5.14 16.23
CA PHE A 155 0.47 -4.88 14.91
C PHE A 155 -1.05 -4.75 15.00
N TRP A 156 -1.55 -3.87 14.13
CA TRP A 156 -2.98 -3.57 13.98
C TRP A 156 -3.40 -4.11 12.62
N PRO A 157 -4.12 -5.23 12.57
CA PRO A 157 -4.52 -5.81 11.27
C PRO A 157 -5.30 -4.79 10.47
N SER A 158 -5.02 -4.76 9.16
CA SER A 158 -5.69 -3.78 8.29
C SER A 158 -7.15 -4.15 8.11
N LEU A 159 -8.05 -3.24 8.49
CA LEU A 159 -9.48 -3.48 8.32
C LEU A 159 -9.92 -3.33 6.86
N GLU A 160 -9.03 -2.87 5.98
CA GLU A 160 -9.28 -2.94 4.54
C GLU A 160 -9.13 -4.35 4.01
N THR A 161 -8.40 -5.22 4.71
CA THR A 161 -8.18 -6.59 4.28
C THR A 161 -9.05 -7.57 5.04
N PHE A 162 -9.06 -7.48 6.37
CA PHE A 162 -9.75 -8.46 7.20
C PHE A 162 -11.19 -8.00 7.46
N THR A 163 -12.13 -8.81 6.99
CA THR A 163 -13.56 -8.49 7.03
C THR A 163 -14.30 -9.53 7.87
N ASN A 164 -15.53 -9.19 8.25
CA ASN A 164 -16.39 -10.08 9.03
C ASN A 164 -15.80 -10.33 10.41
N VAL A 165 -14.89 -11.30 10.52
CA VAL A 165 -14.17 -11.59 11.75
C VAL A 165 -12.98 -10.63 11.83
N THR A 166 -13.09 -9.60 12.68
CA THR A 166 -12.07 -8.58 12.85
C THR A 166 -11.50 -8.53 14.27
N GLU A 167 -12.09 -9.25 15.22
N GLU A 167 -12.09 -9.25 15.22
CA GLU A 167 -11.62 -9.26 16.59
CA GLU A 167 -11.63 -9.25 16.60
C GLU A 167 -10.99 -10.60 16.90
C GLU A 167 -11.01 -10.61 16.92
N PHE A 168 -9.95 -10.58 17.72
CA PHE A 168 -9.23 -11.81 18.02
C PHE A 168 -10.01 -12.66 19.01
N GLU A 169 -9.99 -13.97 18.78
CA GLU A 169 -10.65 -14.93 19.66
C GLU A 169 -9.60 -15.58 20.55
N TYR A 170 -9.73 -15.36 21.87
CA TYR A 170 -8.73 -15.83 22.82
C TYR A 170 -8.45 -17.32 22.67
N GLU A 171 -9.49 -18.15 22.52
N GLU A 171 -9.48 -18.14 22.52
CA GLU A 171 -9.26 -19.58 22.53
CA GLU A 171 -9.28 -19.58 22.54
C GLU A 171 -8.57 -20.07 21.28
C GLU A 171 -8.61 -20.09 21.27
N ILE A 172 -8.72 -19.36 20.15
CA ILE A 172 -8.00 -19.77 18.95
C ILE A 172 -6.50 -19.56 19.15
N LEU A 173 -6.11 -18.45 19.76
CA LEU A 173 -4.70 -18.23 20.04
C LEU A 173 -4.19 -19.23 21.08
N ALA A 174 -4.97 -19.43 22.16
CA ALA A 174 -4.54 -20.31 23.23
C ALA A 174 -4.31 -21.73 22.74
N LYS A 175 -5.21 -22.26 21.89
CA LYS A 175 -5.04 -23.63 21.42
C LYS A 175 -3.71 -23.80 20.69
N ARG A 176 -3.33 -22.81 19.88
CA ARG A 176 -2.12 -22.95 19.08
C ARG A 176 -0.88 -22.80 19.94
N LEU A 177 -0.88 -21.80 20.84
CA LEU A 177 0.26 -21.58 21.72
C LEU A 177 0.50 -22.81 22.61
N ARG A 178 -0.57 -23.46 23.07
CA ARG A 178 -0.43 -24.71 23.81
C ARG A 178 0.28 -25.77 22.99
N GLU A 179 -0.15 -25.98 21.72
CA GLU A 179 0.55 -26.94 20.88
C GLU A 179 2.02 -26.59 20.74
N LEU A 180 2.32 -25.30 20.56
CA LEU A 180 3.69 -24.88 20.34
C LEU A 180 4.55 -25.10 21.57
N SER A 181 3.96 -25.06 22.77
CA SER A 181 4.76 -25.21 23.99
C SER A 181 5.26 -26.63 24.14
N PHE A 182 4.46 -27.62 23.74
CA PHE A 182 4.95 -29.00 23.75
C PHE A 182 6.08 -29.19 22.73
N LEU A 183 5.94 -28.62 21.54
CA LEU A 183 6.94 -28.86 20.51
C LEU A 183 8.22 -28.10 20.82
N ASN A 184 8.10 -26.94 21.42
CA ASN A 184 9.24 -26.10 21.79
C ASN A 184 9.42 -26.15 23.30
N SER A 185 9.81 -27.33 23.79
N SER A 185 9.79 -27.34 23.80
CA SER A 185 9.96 -27.53 25.22
CA SER A 185 9.90 -27.54 25.23
C SER A 185 11.00 -26.57 25.77
C SER A 185 11.01 -26.66 25.81
N GLY A 186 10.76 -26.10 26.99
CA GLY A 186 11.67 -25.16 27.59
C GLY A 186 11.44 -23.72 27.20
N VAL A 187 10.58 -23.44 26.22
CA VAL A 187 10.16 -22.07 25.94
C VAL A 187 8.88 -21.79 26.71
N SER A 188 8.90 -20.70 27.47
CA SER A 188 7.73 -20.28 28.24
C SER A 188 6.90 -19.32 27.41
N ILE A 189 5.60 -19.59 27.29
CA ILE A 189 4.71 -18.78 26.49
C ILE A 189 3.58 -18.27 27.37
N ARG A 190 3.52 -16.95 27.55
CA ARG A 190 2.42 -16.34 28.29
C ARG A 190 1.44 -15.68 27.31
N LEU A 191 0.15 -15.85 27.58
CA LEU A 191 -0.91 -15.24 26.80
C LEU A 191 -1.77 -14.38 27.71
N ARG A 192 -1.99 -13.13 27.32
CA ARG A 192 -2.75 -12.19 28.14
C ARG A 192 -3.81 -11.49 27.29
N ASP A 193 -5.02 -11.39 27.83
CA ASP A 193 -6.11 -10.67 27.16
C ASP A 193 -6.46 -9.45 27.99
N LYS A 194 -6.13 -8.27 27.47
CA LYS A 194 -6.43 -7.04 28.22
C LYS A 194 -7.88 -6.62 28.09
N ARG A 195 -8.67 -7.30 27.25
CA ARG A 195 -10.07 -6.95 27.11
C ARG A 195 -10.89 -7.42 28.31
N ASP A 196 -10.61 -8.63 28.80
CA ASP A 196 -11.36 -9.21 29.91
C ASP A 196 -10.45 -9.77 31.01
N GLY A 197 -9.13 -9.57 30.92
CA GLY A 197 -8.21 -10.00 31.95
C GLY A 197 -7.80 -11.45 31.92
N LYS A 198 -8.24 -12.21 30.93
CA LYS A 198 -7.93 -13.63 30.89
C LYS A 198 -6.46 -13.84 30.54
N GLU A 199 -5.85 -14.85 31.18
CA GLU A 199 -4.42 -15.11 31.07
C GLU A 199 -4.16 -16.62 31.11
N ASP A 200 -3.07 -17.04 30.47
CA ASP A 200 -2.61 -18.41 30.53
C ASP A 200 -1.08 -18.43 30.49
N HIS A 201 -0.51 -19.55 30.94
CA HIS A 201 0.94 -19.75 30.91
C HIS A 201 1.20 -21.18 30.45
N PHE A 202 1.73 -21.32 29.25
CA PHE A 202 2.07 -22.62 28.68
C PHE A 202 3.57 -22.84 28.79
N HIS A 203 3.98 -23.88 29.51
CA HIS A 203 5.39 -24.20 29.68
CA HIS A 203 5.39 -24.21 29.63
C HIS A 203 5.51 -25.70 29.93
N TYR A 204 6.18 -26.42 29.04
CA TYR A 204 6.29 -27.87 29.14
C TYR A 204 7.51 -28.37 29.94
N LEU B 2 6.09 -0.61 -6.46
CA LEU B 2 5.79 0.79 -6.13
C LEU B 2 6.22 1.17 -4.72
N ASP B 3 6.80 0.22 -3.99
CA ASP B 3 7.11 0.49 -2.58
C ASP B 3 8.17 1.58 -2.43
N ALA B 4 9.04 1.76 -3.43
CA ALA B 4 10.02 2.85 -3.34
C ALA B 4 9.35 4.22 -3.39
N VAL B 5 8.26 4.34 -4.15
CA VAL B 5 7.53 5.59 -4.22
C VAL B 5 6.80 5.82 -2.90
N ARG B 6 6.21 4.77 -2.33
CA ARG B 6 5.49 4.95 -1.07
C ARG B 6 6.44 5.36 0.05
N LYS B 7 7.69 4.88 0.00
CA LYS B 7 8.63 5.18 1.07
C LYS B 7 9.06 6.63 1.06
N ARG B 8 9.16 7.27 -0.11
CA ARG B 8 9.55 8.68 -0.20
C ARG B 8 8.72 9.39 -1.27
N PRO B 9 7.44 9.68 -1.00
CA PRO B 9 6.60 10.25 -2.06
C PRO B 9 7.08 11.58 -2.62
N GLY B 10 7.64 12.44 -1.76
CA GLY B 10 8.04 13.75 -2.24
C GLY B 10 9.17 13.69 -3.24
N MET B 11 10.01 12.66 -3.16
CA MET B 11 11.10 12.51 -4.11
C MET B 11 10.61 12.22 -5.51
N TYR B 12 9.34 11.81 -5.65
CA TYR B 12 8.77 11.45 -6.94
C TYR B 12 7.75 12.46 -7.46
N ILE B 13 6.91 13.04 -6.59
CA ILE B 13 5.81 13.89 -7.02
C ILE B 13 6.03 15.36 -6.68
N GLY B 14 6.98 15.68 -5.82
CA GLY B 14 7.19 17.05 -5.37
C GLY B 14 6.61 17.27 -3.99
N ASP B 15 6.43 18.55 -3.66
CA ASP B 15 6.00 18.92 -2.31
C ASP B 15 4.54 18.49 -2.08
N THR B 16 4.32 17.67 -1.04
CA THR B 16 3.01 17.10 -0.79
C THR B 16 2.16 17.93 0.17
N ASP B 17 2.59 19.14 0.51
CA ASP B 17 1.90 19.97 1.48
C ASP B 17 1.46 21.32 0.94
N ASP B 18 2.10 21.84 -0.11
CA ASP B 18 1.77 23.18 -0.60
C ASP B 18 0.90 23.15 -1.86
N GLY B 19 0.52 21.98 -2.35
CA GLY B 19 -0.35 21.88 -3.50
C GLY B 19 0.36 21.67 -4.81
N THR B 20 1.68 21.88 -4.87
CA THR B 20 2.38 21.71 -6.14
C THR B 20 2.38 20.25 -6.57
N GLY B 21 2.68 19.34 -5.62
CA GLY B 21 2.64 17.92 -5.94
C GLY B 21 1.23 17.45 -6.28
N LEU B 22 0.23 17.96 -5.55
CA LEU B 22 -1.16 17.61 -5.82
C LEU B 22 -1.51 17.91 -7.28
N HIS B 23 -1.18 19.11 -7.74
CA HIS B 23 -1.51 19.44 -9.13
C HIS B 23 -0.59 18.75 -10.12
N HIS B 24 0.66 18.47 -9.74
CA HIS B 24 1.53 17.65 -10.58
CA HIS B 24 1.51 17.67 -10.62
C HIS B 24 0.86 16.33 -10.94
N MET B 25 0.10 15.76 -9.99
CA MET B 25 -0.63 14.51 -10.26
C MET B 25 -1.49 14.63 -11.52
N VAL B 26 -2.28 15.71 -11.63
CA VAL B 26 -3.11 15.92 -12.80
C VAL B 26 -2.24 16.06 -14.05
N PHE B 27 -1.16 16.84 -13.97
CA PHE B 27 -0.41 17.11 -15.18
C PHE B 27 0.31 15.88 -15.70
N GLU B 28 0.70 14.94 -14.81
CA GLU B 28 1.28 13.70 -15.29
CA GLU B 28 1.29 13.70 -15.31
C GLU B 28 0.26 12.87 -16.06
N VAL B 29 -0.98 12.81 -15.57
CA VAL B 29 -2.02 12.09 -16.30
C VAL B 29 -2.33 12.77 -17.63
N VAL B 30 -2.40 14.11 -17.63
CA VAL B 30 -2.71 14.81 -18.87
C VAL B 30 -1.61 14.60 -19.90
N ASP B 31 -0.36 14.51 -19.44
CA ASP B 31 0.71 14.25 -20.41
C ASP B 31 0.49 12.91 -21.12
N ASN B 32 0.07 11.88 -20.38
CA ASN B 32 -0.18 10.60 -21.02
C ASN B 32 -1.39 10.68 -21.95
N ALA B 33 -2.41 11.44 -21.56
CA ALA B 33 -3.61 11.60 -22.39
C ALA B 33 -3.29 12.31 -23.70
N ILE B 34 -2.45 13.34 -23.66
CA ILE B 34 -2.09 14.04 -24.89
C ILE B 34 -1.34 13.11 -25.83
N ASP B 35 -0.40 12.36 -25.29
N ASP B 35 -0.40 12.39 -25.29
CA ASP B 35 0.28 11.36 -26.09
CA ASP B 35 0.29 11.37 -26.05
C ASP B 35 -0.68 10.38 -26.76
C ASP B 35 -0.63 10.33 -26.73
N GLU B 36 -1.65 9.87 -26.02
CA GLU B 36 -2.64 8.98 -26.60
C GLU B 36 -3.48 9.70 -27.64
N ALA B 37 -3.92 10.93 -27.36
CA ALA B 37 -4.85 11.57 -28.28
C ALA B 37 -4.18 11.92 -29.60
N LEU B 38 -2.86 12.11 -29.60
CA LEU B 38 -2.16 12.47 -30.82
C LEU B 38 -2.14 11.33 -31.85
N ALA B 39 -2.38 10.10 -31.42
CA ALA B 39 -2.30 8.93 -32.32
C ALA B 39 -3.65 8.58 -32.94
N GLY B 40 -4.63 9.47 -32.88
CA GLY B 40 -5.88 9.32 -33.60
C GLY B 40 -6.14 10.53 -34.49
N HIS B 41 -7.27 10.47 -35.20
CA HIS B 41 -7.53 11.55 -36.15
C HIS B 41 -8.18 12.76 -35.48
N CYS B 42 -9.13 12.54 -34.57
CA CYS B 42 -9.91 13.64 -34.02
C CYS B 42 -9.24 14.34 -32.84
N LYS B 43 -8.50 13.60 -32.01
CA LYS B 43 -7.69 14.16 -30.93
C LYS B 43 -8.48 15.06 -29.99
N GLU B 44 -9.15 14.49 -28.99
CA GLU B 44 -9.74 15.31 -27.93
C GLU B 44 -9.43 14.70 -26.58
N ILE B 45 -9.10 15.55 -25.61
CA ILE B 45 -9.05 15.11 -24.23
C ILE B 45 -10.01 15.95 -23.42
N ILE B 46 -10.54 15.37 -22.34
CA ILE B 46 -11.45 16.06 -21.43
C ILE B 46 -10.94 15.87 -20.01
N VAL B 47 -10.72 16.97 -19.30
CA VAL B 47 -10.27 16.97 -17.91
C VAL B 47 -11.43 17.43 -17.06
N THR B 48 -11.84 16.62 -16.07
CA THR B 48 -12.99 16.95 -15.24
C THR B 48 -12.59 16.99 -13.77
N ILE B 49 -12.97 18.06 -13.08
CA ILE B 49 -12.82 18.14 -11.63
C ILE B 49 -14.16 17.73 -11.04
N HIS B 50 -14.19 16.61 -10.34
CA HIS B 50 -15.45 16.09 -9.80
C HIS B 50 -15.72 16.71 -8.43
N ALA B 51 -16.99 16.60 -8.00
CA ALA B 51 -17.40 17.25 -6.76
C ALA B 51 -16.73 16.65 -5.54
N ASP B 52 -16.34 15.38 -5.59
CA ASP B 52 -15.61 14.77 -4.48
C ASP B 52 -14.12 15.06 -4.53
N ASN B 53 -13.70 16.03 -5.36
CA ASN B 53 -12.30 16.43 -5.53
C ASN B 53 -11.43 15.29 -6.04
N SER B 54 -12.02 14.39 -6.82
CA SER B 54 -11.27 13.57 -7.74
C SER B 54 -11.17 14.29 -9.08
N VAL B 55 -10.22 13.84 -9.91
CA VAL B 55 -10.06 14.37 -11.26
C VAL B 55 -10.07 13.20 -12.25
N SER B 56 -10.79 13.35 -13.35
CA SER B 56 -10.70 12.37 -14.42
C SER B 56 -10.11 13.01 -15.67
N VAL B 57 -9.34 12.22 -16.41
CA VAL B 57 -8.76 12.62 -17.70
C VAL B 57 -9.11 11.53 -18.71
N GLN B 58 -9.62 11.93 -19.88
CA GLN B 58 -9.97 10.94 -20.88
C GLN B 58 -9.48 11.43 -22.24
N ASP B 59 -9.17 10.47 -23.09
CA ASP B 59 -8.80 10.74 -24.49
C ASP B 59 -9.57 9.81 -25.39
N ASP B 60 -9.69 10.22 -26.66
CA ASP B 60 -10.34 9.41 -27.68
C ASP B 60 -9.35 8.75 -28.63
N GLY B 61 -8.18 8.39 -28.13
CA GLY B 61 -7.17 7.71 -28.92
C GLY B 61 -7.45 6.23 -29.07
N ARG B 62 -6.38 5.45 -29.25
CA ARG B 62 -6.52 4.03 -29.60
C ARG B 62 -6.83 3.12 -28.41
N GLY B 63 -6.67 3.61 -27.18
CA GLY B 63 -6.77 2.77 -26.00
C GLY B 63 -5.44 2.17 -25.63
N ILE B 64 -5.07 2.27 -24.34
CA ILE B 64 -3.85 1.61 -23.85
C ILE B 64 -3.94 0.11 -24.09
N PRO B 65 -2.85 -0.56 -24.49
CA PRO B 65 -2.90 -2.01 -24.74
CA PRO B 65 -2.92 -2.00 -24.74
C PRO B 65 -3.37 -2.80 -23.52
N THR B 66 -4.13 -3.86 -23.78
CA THR B 66 -4.76 -4.64 -22.73
C THR B 66 -4.27 -6.07 -22.61
N GLY B 67 -3.50 -6.56 -23.59
CA GLY B 67 -3.11 -7.95 -23.58
C GLY B 67 -2.13 -8.29 -22.48
N ILE B 68 -2.11 -9.58 -22.11
CA ILE B 68 -1.22 -10.07 -21.08
C ILE B 68 0.23 -9.89 -21.50
N HIS B 69 1.01 -9.23 -20.65
CA HIS B 69 2.45 -9.12 -20.83
C HIS B 69 3.10 -10.49 -20.63
N PRO B 70 3.92 -10.97 -21.57
CA PRO B 70 4.42 -12.36 -21.48
C PRO B 70 5.32 -12.61 -20.29
N GLU B 71 6.10 -11.62 -19.84
CA GLU B 71 6.95 -11.82 -18.68
C GLU B 71 6.21 -11.54 -17.38
N GLU B 72 5.47 -10.43 -17.32
CA GLU B 72 4.84 -10.02 -16.07
C GLU B 72 3.58 -10.82 -15.75
N GLY B 73 2.94 -11.39 -16.75
CA GLY B 73 1.78 -12.23 -16.45
C GLY B 73 0.51 -11.48 -16.12
N VAL B 74 0.48 -10.17 -16.34
CA VAL B 74 -0.72 -9.36 -16.16
C VAL B 74 -0.86 -8.45 -17.37
N SER B 75 -2.06 -7.88 -17.54
CA SER B 75 -2.34 -6.99 -18.66
C SER B 75 -1.29 -5.89 -18.76
N ALA B 76 -1.00 -5.50 -20.00
CA ALA B 76 -0.03 -4.43 -20.23
C ALA B 76 -0.41 -3.13 -19.51
N ALA B 77 -1.71 -2.82 -19.50
CA ALA B 77 -2.19 -1.65 -18.76
C ALA B 77 -1.77 -1.72 -17.30
N GLU B 78 -1.95 -2.88 -16.67
CA GLU B 78 -1.57 -3.03 -15.26
C GLU B 78 -0.06 -2.89 -15.08
N VAL B 79 0.74 -3.47 -15.98
CA VAL B 79 2.19 -3.29 -15.88
C VAL B 79 2.55 -1.81 -15.83
N ILE B 80 2.01 -1.02 -16.76
CA ILE B 80 2.30 0.41 -16.80
C ILE B 80 1.87 1.08 -15.51
N MET B 81 0.76 0.61 -14.91
CA MET B 81 0.24 1.22 -13.68
C MET B 81 1.00 0.81 -12.43
N THR B 82 1.78 -0.28 -12.46
CA THR B 82 2.34 -0.84 -11.24
C THR B 82 3.86 -1.01 -11.27
N VAL B 83 4.53 -0.56 -12.33
CA VAL B 83 5.97 -0.69 -12.46
C VAL B 83 6.56 0.72 -12.61
N LEU B 84 7.67 0.96 -11.90
CA LEU B 84 8.26 2.31 -11.90
C LEU B 84 8.82 2.73 -13.26
N GLY B 103 8.24 13.87 -16.06
CA GLY B 103 7.95 12.59 -16.68
C GLY B 103 8.06 11.42 -15.72
N VAL B 104 7.35 11.53 -14.60
CA VAL B 104 7.50 10.58 -13.51
C VAL B 104 6.70 9.30 -13.72
N GLY B 105 5.71 9.32 -14.60
CA GLY B 105 4.95 8.13 -14.96
C GLY B 105 3.65 8.00 -14.21
N VAL B 106 2.60 7.49 -14.86
CA VAL B 106 1.30 7.32 -14.23
CA VAL B 106 1.31 7.37 -14.18
C VAL B 106 1.38 6.38 -13.03
N SER B 107 2.40 5.51 -12.97
CA SER B 107 2.49 4.60 -11.83
C SER B 107 2.73 5.35 -10.54
N VAL B 108 3.41 6.50 -10.60
CA VAL B 108 3.55 7.34 -9.41
C VAL B 108 2.19 7.89 -8.98
N VAL B 109 1.42 8.42 -9.93
CA VAL B 109 0.06 8.88 -9.62
C VAL B 109 -0.73 7.76 -8.95
N ASN B 110 -0.68 6.57 -9.55
CA ASN B 110 -1.44 5.45 -9.01
C ASN B 110 -1.02 5.14 -7.57
N ALA B 111 0.28 5.08 -7.31
CA ALA B 111 0.77 4.74 -5.98
C ALA B 111 0.25 5.73 -4.94
N LEU B 112 0.14 7.00 -5.31
CA LEU B 112 -0.22 8.07 -4.39
C LEU B 112 -1.71 8.44 -4.46
N SER B 113 -2.54 7.59 -5.03
CA SER B 113 -3.98 7.78 -5.06
C SER B 113 -4.65 6.75 -4.16
N GLN B 114 -5.55 7.21 -3.29
CA GLN B 114 -6.27 6.23 -2.47
C GLN B 114 -7.26 5.41 -3.29
N LYS B 115 -7.69 5.92 -4.44
CA LYS B 115 -8.43 5.13 -5.41
C LYS B 115 -8.07 5.63 -6.80
N LEU B 116 -7.99 4.72 -7.77
CA LEU B 116 -7.82 5.06 -9.18
C LEU B 116 -8.67 4.12 -10.01
N GLU B 117 -9.47 4.68 -10.91
CA GLU B 117 -10.34 3.90 -11.78
C GLU B 117 -9.86 4.02 -13.22
N LEU B 118 -9.76 2.88 -13.92
CA LEU B 118 -9.28 2.79 -15.28
C LEU B 118 -10.36 2.22 -16.18
N VAL B 119 -10.63 2.86 -17.31
CA VAL B 119 -11.53 2.33 -18.33
C VAL B 119 -10.85 2.47 -19.69
N ILE B 120 -10.69 1.35 -20.41
CA ILE B 120 -10.04 1.35 -21.72
C ILE B 120 -11.05 0.80 -22.72
N GLN B 121 -11.28 1.54 -23.80
CA GLN B 121 -12.15 1.11 -24.88
C GLN B 121 -11.28 0.80 -26.10
N ARG B 122 -11.31 -0.46 -26.53
CA ARG B 122 -10.36 -0.92 -27.53
C ARG B 122 -10.90 -2.20 -28.12
N GLU B 123 -10.77 -2.33 -29.44
CA GLU B 123 -11.12 -3.57 -30.14
C GLU B 123 -12.56 -3.98 -29.81
N GLY B 124 -13.43 -2.99 -29.68
CA GLY B 124 -14.84 -3.22 -29.45
C GLY B 124 -15.22 -3.62 -28.04
N LYS B 125 -14.29 -3.56 -27.08
CA LYS B 125 -14.54 -4.02 -25.72
C LYS B 125 -14.23 -2.93 -24.71
N ILE B 126 -15.05 -2.86 -23.66
CA ILE B 126 -14.80 -2.00 -22.50
C ILE B 126 -14.03 -2.81 -21.46
N HIS B 127 -12.89 -2.29 -21.01
CA HIS B 127 -12.05 -2.92 -20.00
C HIS B 127 -12.02 -2.01 -18.78
N ARG B 128 -12.19 -2.59 -17.59
CA ARG B 128 -12.29 -1.81 -16.36
C ARG B 128 -11.39 -2.38 -15.27
N GLN B 129 -10.81 -1.49 -14.47
CA GLN B 129 -10.00 -1.94 -13.34
C GLN B 129 -9.98 -0.84 -12.28
N ILE B 130 -9.92 -1.26 -11.01
CA ILE B 130 -9.87 -0.35 -9.87
CA ILE B 130 -9.86 -0.34 -9.88
C ILE B 130 -8.61 -0.65 -9.06
N TYR B 131 -7.91 0.41 -8.66
CA TYR B 131 -6.75 0.33 -7.80
C TYR B 131 -7.07 1.07 -6.51
N GLU B 132 -6.40 0.68 -5.42
CA GLU B 132 -6.42 1.44 -4.18
C GLU B 132 -5.00 1.50 -3.66
N HIS B 133 -4.49 2.73 -3.49
CA HIS B 133 -3.10 2.95 -3.11
C HIS B 133 -2.15 2.15 -4.00
N GLY B 134 -2.48 2.10 -5.29
CA GLY B 134 -1.66 1.44 -6.28
C GLY B 134 -1.82 -0.07 -6.37
N VAL B 135 -2.67 -0.67 -5.54
CA VAL B 135 -2.89 -2.11 -5.50
C VAL B 135 -4.12 -2.42 -6.35
N PRO B 136 -4.00 -3.23 -7.40
CA PRO B 136 -5.19 -3.57 -8.20
C PRO B 136 -6.14 -4.44 -7.38
N GLN B 137 -7.43 -4.11 -7.45
CA GLN B 137 -8.41 -4.85 -6.67
C GLN B 137 -8.88 -6.11 -7.38
N ALA B 138 -8.67 -6.19 -8.68
CA ALA B 138 -8.94 -7.39 -9.49
C ALA B 138 -8.17 -7.23 -10.79
N PRO B 139 -8.00 -8.30 -11.57
CA PRO B 139 -7.38 -8.15 -12.89
C PRO B 139 -8.24 -7.31 -13.82
N LEU B 140 -7.59 -6.68 -14.80
CA LEU B 140 -8.31 -5.95 -15.84
C LEU B 140 -9.38 -6.86 -16.45
N ALA B 141 -10.60 -6.34 -16.55
CA ALA B 141 -11.74 -7.18 -16.89
C ALA B 141 -12.53 -6.55 -18.03
N VAL B 142 -12.95 -7.37 -19.00
CA VAL B 142 -13.86 -6.92 -20.03
C VAL B 142 -15.29 -6.97 -19.51
N THR B 143 -15.92 -5.80 -19.40
CA THR B 143 -17.26 -5.67 -18.83
C THR B 143 -18.35 -5.44 -19.86
N GLY B 144 -18.01 -5.06 -21.08
CA GLY B 144 -19.05 -4.81 -22.06
C GLY B 144 -18.48 -4.45 -23.40
N GLU B 145 -19.34 -3.92 -24.27
CA GLU B 145 -18.98 -3.65 -25.65
C GLU B 145 -19.10 -2.17 -25.99
N THR B 146 -18.39 -1.76 -27.03
CA THR B 146 -18.38 -0.37 -27.42
C THR B 146 -17.88 -0.26 -28.86
N GLU B 147 -18.34 0.78 -29.56
CA GLU B 147 -17.82 1.08 -30.89
C GLU B 147 -16.80 2.21 -30.86
N LYS B 148 -16.52 2.76 -29.68
CA LYS B 148 -15.57 3.86 -29.51
C LYS B 148 -14.23 3.35 -29.00
N THR B 149 -13.22 4.22 -29.07
CA THR B 149 -11.92 3.88 -28.51
C THR B 149 -11.42 5.01 -27.62
N GLY B 150 -10.53 4.67 -26.71
CA GLY B 150 -9.89 5.66 -25.87
C GLY B 150 -9.63 5.11 -24.48
N THR B 151 -9.12 5.99 -23.63
CA THR B 151 -8.70 5.65 -22.27
C THR B 151 -9.22 6.73 -21.32
N MET B 152 -9.63 6.32 -20.13
CA MET B 152 -10.00 7.27 -19.10
CA MET B 152 -10.03 7.24 -19.09
C MET B 152 -9.40 6.82 -17.77
N VAL B 153 -8.88 7.79 -17.02
CA VAL B 153 -8.36 7.55 -15.67
C VAL B 153 -9.04 8.56 -14.74
N ARG B 154 -9.59 8.08 -13.63
CA ARG B 154 -10.11 8.96 -12.59
C ARG B 154 -9.42 8.62 -11.29
N PHE B 155 -8.83 9.62 -10.63
CA PHE B 155 -8.07 9.33 -9.42
C PHE B 155 -8.47 10.25 -8.27
N TRP B 156 -8.42 9.67 -7.06
CA TRP B 156 -8.67 10.32 -5.79
C TRP B 156 -7.34 10.43 -5.07
N PRO B 157 -6.71 11.61 -4.98
CA PRO B 157 -5.38 11.69 -4.36
C PRO B 157 -5.44 11.21 -2.91
N SER B 158 -4.38 10.51 -2.49
CA SER B 158 -4.37 9.96 -1.13
C SER B 158 -4.26 11.07 -0.11
N LEU B 159 -5.25 11.15 0.78
CA LEU B 159 -5.19 12.11 1.89
C LEU B 159 -4.22 11.69 2.99
N GLU B 160 -3.66 10.47 2.91
CA GLU B 160 -2.54 10.10 3.77
C GLU B 160 -1.23 10.69 3.29
N THR B 161 -1.15 11.07 2.01
CA THR B 161 0.05 11.70 1.47
C THR B 161 -0.09 13.21 1.31
N PHE B 162 -1.16 13.68 0.69
CA PHE B 162 -1.32 15.11 0.40
C PHE B 162 -2.02 15.78 1.57
N THR B 163 -1.31 16.70 2.22
CA THR B 163 -1.79 17.41 3.39
C THR B 163 -1.93 18.90 3.07
N ASN B 164 -2.72 19.57 3.90
CA ASN B 164 -2.87 21.03 3.86
C ASN B 164 -3.66 21.48 2.63
N VAL B 165 -3.07 21.37 1.44
CA VAL B 165 -3.75 21.72 0.19
C VAL B 165 -4.24 20.42 -0.43
N THR B 166 -5.54 20.15 -0.32
CA THR B 166 -6.09 18.88 -0.81
C THR B 166 -7.19 19.03 -1.85
N GLU B 167 -7.52 20.26 -2.28
CA GLU B 167 -8.53 20.48 -3.30
C GLU B 167 -7.91 21.17 -4.50
N PHE B 168 -8.40 20.82 -5.70
CA PHE B 168 -7.79 21.30 -6.93
C PHE B 168 -8.24 22.73 -7.26
N GLU B 169 -7.30 23.53 -7.76
CA GLU B 169 -7.56 24.93 -8.06
C GLU B 169 -7.79 25.07 -9.57
N TYR B 170 -8.99 25.51 -9.95
CA TYR B 170 -9.38 25.52 -11.37
C TYR B 170 -8.37 26.29 -12.22
N GLU B 171 -7.93 27.45 -11.75
CA GLU B 171 -7.09 28.31 -12.58
C GLU B 171 -5.69 27.73 -12.78
N ILE B 172 -5.18 26.96 -11.82
CA ILE B 172 -3.89 26.29 -12.03
C ILE B 172 -4.00 25.32 -13.20
N LEU B 173 -5.08 24.54 -13.25
CA LEU B 173 -5.26 23.60 -14.35
C LEU B 173 -5.57 24.31 -15.66
N ALA B 174 -6.45 25.31 -15.61
CA ALA B 174 -6.83 26.03 -16.83
C ALA B 174 -5.64 26.70 -17.48
N LYS B 175 -4.82 27.38 -16.68
CA LYS B 175 -3.66 28.09 -17.22
C LYS B 175 -2.73 27.13 -17.94
N ARG B 176 -2.45 25.99 -17.32
CA ARG B 176 -1.52 25.02 -17.90
C ARG B 176 -2.08 24.36 -19.14
N LEU B 177 -3.37 23.99 -19.12
CA LEU B 177 -3.98 23.38 -20.30
C LEU B 177 -3.97 24.35 -21.47
N ARG B 178 -4.20 25.63 -21.21
CA ARG B 178 -4.10 26.63 -22.28
C ARG B 178 -2.70 26.65 -22.90
N GLU B 179 -1.65 26.68 -22.07
CA GLU B 179 -0.30 26.66 -22.62
C GLU B 179 -0.07 25.41 -23.46
N LEU B 180 -0.59 24.27 -23.00
CA LEU B 180 -0.40 23.01 -23.69
C LEU B 180 -1.10 22.99 -25.05
N SER B 181 -2.25 23.67 -25.17
CA SER B 181 -2.99 23.61 -26.43
C SER B 181 -2.21 24.22 -27.57
N PHE B 182 -1.41 25.26 -27.30
CA PHE B 182 -0.63 25.87 -28.37
C PHE B 182 0.58 25.03 -28.77
N LEU B 183 1.13 24.25 -27.83
CA LEU B 183 2.23 23.35 -28.19
C LEU B 183 1.72 22.11 -28.90
N ASN B 184 0.49 21.70 -28.61
CA ASN B 184 -0.08 20.51 -29.22
C ASN B 184 -1.18 20.91 -30.18
N SER B 185 -0.81 21.68 -31.20
CA SER B 185 -1.78 22.15 -32.18
C SER B 185 -2.56 20.96 -32.75
N GLY B 186 -3.88 21.14 -32.88
CA GLY B 186 -4.76 20.11 -33.35
C GLY B 186 -5.48 19.34 -32.25
N VAL B 187 -4.99 19.39 -31.01
CA VAL B 187 -5.62 18.65 -29.90
C VAL B 187 -6.61 19.57 -29.20
N SER B 188 -7.86 19.11 -29.16
CA SER B 188 -8.92 19.77 -28.42
C SER B 188 -8.84 19.37 -26.95
N ILE B 189 -8.80 20.35 -26.06
CA ILE B 189 -8.68 20.12 -24.63
C ILE B 189 -9.86 20.79 -23.92
N ARG B 190 -10.71 20.00 -23.30
CA ARG B 190 -11.86 20.51 -22.56
C ARG B 190 -11.58 20.40 -21.07
N LEU B 191 -11.97 21.43 -20.33
CA LEU B 191 -11.87 21.44 -18.86
C LEU B 191 -13.24 21.73 -18.29
N ARG B 192 -13.67 20.92 -17.33
CA ARG B 192 -15.00 21.04 -16.72
C ARG B 192 -14.86 20.94 -15.21
N ASP B 193 -15.45 21.90 -14.50
CA ASP B 193 -15.45 21.90 -13.04
C ASP B 193 -16.87 21.60 -12.58
N LYS B 194 -17.11 20.38 -12.13
CA LYS B 194 -18.43 20.00 -11.66
C LYS B 194 -18.75 20.56 -10.29
N ARG B 195 -17.82 21.24 -9.64
CA ARG B 195 -18.15 21.85 -8.35
C ARG B 195 -18.94 23.14 -8.52
N ASP B 196 -18.78 23.82 -9.67
CA ASP B 196 -19.49 25.07 -9.91
C ASP B 196 -19.99 25.20 -11.35
N GLY B 197 -19.81 24.18 -12.18
CA GLY B 197 -20.28 24.23 -13.55
C GLY B 197 -19.40 24.94 -14.54
N LYS B 198 -18.28 25.50 -14.10
CA LYS B 198 -17.42 26.26 -15.01
C LYS B 198 -16.76 25.33 -16.03
N GLU B 199 -16.50 25.89 -17.22
CA GLU B 199 -15.98 25.09 -18.32
C GLU B 199 -15.14 25.97 -19.22
N ASP B 200 -14.18 25.34 -19.89
CA ASP B 200 -13.32 26.00 -20.87
C ASP B 200 -13.01 25.01 -21.99
N HIS B 201 -12.65 25.56 -23.14
CA HIS B 201 -12.26 24.74 -24.28
C HIS B 201 -11.04 25.38 -24.93
N PHE B 202 -9.92 24.66 -24.91
CA PHE B 202 -8.67 25.17 -25.45
C PHE B 202 -8.36 24.38 -26.70
N HIS B 203 -8.30 25.06 -27.83
CA HIS B 203 -8.13 24.39 -29.11
C HIS B 203 -7.40 25.34 -30.04
N TYR B 204 -6.22 24.93 -30.49
CA TYR B 204 -5.39 25.74 -31.37
C TYR B 204 -5.12 24.95 -32.64
N GLU B 205 -5.56 25.49 -33.79
CA GLU B 205 -5.57 24.73 -35.03
C GLU B 205 -4.28 24.70 -35.82
N GLY B 206 -3.24 25.42 -35.39
CA GLY B 206 -2.00 25.52 -36.13
C GLY B 206 -1.31 24.26 -36.61
#